data_3WJP
#
_entry.id   3WJP
#
_cell.length_a   102.874
_cell.length_b   102.874
_cell.length_c   104.013
_cell.angle_alpha   90.00
_cell.angle_beta   90.00
_cell.angle_gamma   90.00
#
_symmetry.space_group_name_H-M   'P 43 21 2'
#
loop_
_entity.id
_entity.type
_entity.pdbx_description
1 polymer 'Hydrogenase expression/formation protein HypE'
2 non-polymer 'PHOSPHOAMINOPHOSPHONIC ACID-ADENYLATE ESTER'
3 non-polymer 'MAGNESIUM ION'
4 non-polymer BENZAMIDINE
5 non-polymer 'SULFATE ION'
6 non-polymer GLYCEROL
7 non-polymer 'TRIETHYLENE GLYCOL'
8 water water
#
_entity_poly.entity_id   1
_entity_poly.type   'polypeptide(L)'
_entity_poly.pdbx_seq_one_letter_code
;MGEKIKLEHGAGGEIMEELLRDVILKTLTLKSAGGIGLDALDDGATIPFGDKHIVFTIDGHTVKPLFFPGGDIGRLAVSG
TVNDLAVMGAEPIALANSMIIGEGLDMEVLKRVLKSMDETAREVPVPIVTGDTKVVEDKIEMFVITAGIGIAEHPVSDAG
AKVGDAVLVSGTIGDHGIALMSHREGIAFETELKSDVAPIWDVVKAVAETIGWENIHAMKDPTRAGLSNALNEIARKSNV
GILVREADIPIRPEVRAASEMLGISPYDVANEGKVVMVVAREYAEEALEAMRKTEKGRNAAIIGEVIADYRGKVLLETGI
GGKRFMEPPEGDPVPRI(QCS)
;
_entity_poly.pdbx_strand_id   A
#
# COMPACT_ATOMS: atom_id res chain seq x y z
N GLU A 3 -22.55 12.57 16.66
CA GLU A 3 -21.81 11.64 15.81
C GLU A 3 -20.40 11.40 16.35
N LYS A 4 -19.96 10.16 16.34
CA LYS A 4 -18.66 9.80 16.89
C LYS A 4 -17.74 9.19 15.85
N ILE A 5 -16.44 9.33 16.06
CA ILE A 5 -15.47 8.61 15.26
C ILE A 5 -15.55 7.11 15.59
N LYS A 6 -15.59 6.28 14.55
CA LYS A 6 -15.68 4.84 14.70
C LYS A 6 -14.43 4.16 14.17
N LEU A 7 -14.21 2.91 14.54
CA LEU A 7 -13.05 2.17 14.03
C LEU A 7 -13.03 2.16 12.52
N GLU A 8 -14.22 2.11 11.93
CA GLU A 8 -14.36 2.09 10.48
C GLU A 8 -13.77 3.33 9.80
N HIS A 9 -13.75 4.45 10.52
CA HIS A 9 -13.17 5.67 9.95
C HIS A 9 -11.68 5.54 9.76
N GLY A 10 -11.07 4.56 10.40
CA GLY A 10 -9.66 4.29 10.21
C GLY A 10 -9.39 3.02 9.43
N ALA A 11 -10.39 2.51 8.72
CA ALA A 11 -10.27 1.21 8.07
C ALA A 11 -10.04 1.28 6.55
N GLY A 12 -9.86 2.47 6.00
CA GLY A 12 -9.39 2.59 4.63
C GLY A 12 -10.40 2.35 3.52
N GLY A 13 -11.65 2.11 3.87
CA GLY A 13 -12.66 1.82 2.87
C GLY A 13 -13.59 2.98 2.63
N GLU A 14 -14.79 2.68 2.16
CA GLU A 14 -15.77 3.72 1.83
C GLU A 14 -16.06 4.66 2.99
N ILE A 15 -16.09 4.13 4.21
CA ILE A 15 -16.43 4.95 5.37
C ILE A 15 -15.33 5.98 5.64
N MET A 16 -14.07 5.57 5.53
CA MET A 16 -12.98 6.51 5.69
C MET A 16 -13.00 7.53 4.55
N GLU A 17 -13.25 7.06 3.34
CA GLU A 17 -13.25 7.93 2.17
C GLU A 17 -14.30 9.02 2.29
N GLU A 18 -15.46 8.68 2.83
N GLU A 18 -15.46 8.67 2.82
CA GLU A 18 -16.52 9.67 3.05
CA GLU A 18 -16.53 9.63 3.09
C GLU A 18 -16.08 10.73 4.05
C GLU A 18 -16.08 10.72 4.05
N LEU A 19 -15.38 10.31 5.10
CA LEU A 19 -14.86 11.23 6.10
C LEU A 19 -13.85 12.21 5.47
N LEU A 20 -12.96 11.67 4.63
CA LEU A 20 -11.97 12.52 3.97
C LEU A 20 -12.63 13.56 3.05
N ARG A 21 -13.61 13.13 2.27
CA ARG A 21 -14.31 14.06 1.38
C ARG A 21 -15.18 15.06 2.14
N ASP A 22 -15.96 14.58 3.10
CA ASP A 22 -16.95 15.45 3.74
C ASP A 22 -16.44 16.28 4.90
N VAL A 23 -15.33 15.86 5.52
CA VAL A 23 -14.81 16.58 6.67
C VAL A 23 -13.43 17.17 6.41
N ILE A 24 -12.47 16.34 6.02
CA ILE A 24 -11.11 16.83 5.81
C ILE A 24 -11.02 17.85 4.66
N LEU A 25 -11.47 17.47 3.47
CA LEU A 25 -11.35 18.35 2.31
C LEU A 25 -12.22 19.59 2.45
N LYS A 26 -13.32 19.48 3.18
CA LYS A 26 -14.23 20.62 3.31
C LYS A 26 -13.80 21.61 4.39
N THR A 27 -12.97 21.16 5.32
CA THR A 27 -12.53 22.01 6.41
C THR A 27 -11.19 22.69 6.11
N LEU A 28 -10.24 21.95 5.53
CA LEU A 28 -8.97 22.55 5.15
C LEU A 28 -9.13 23.32 3.85
N THR A 29 -8.48 24.48 3.77
CA THR A 29 -8.59 25.35 2.59
C THR A 29 -7.29 25.46 1.81
N LEU A 30 -6.15 25.51 2.50
CA LEU A 30 -4.87 25.53 1.81
C LEU A 30 -4.37 24.11 1.70
N LYS A 31 -4.46 23.56 0.50
CA LYS A 31 -4.32 22.12 0.28
C LYS A 31 -3.29 21.73 -0.77
N SER A 32 -2.72 22.71 -1.48
CA SER A 32 -1.76 22.44 -2.53
C SER A 32 -0.57 23.37 -2.46
N ALA A 33 0.61 22.85 -2.79
CA ALA A 33 1.81 23.67 -2.92
C ALA A 33 2.23 23.86 -4.37
N GLY A 34 1.32 23.60 -5.30
CA GLY A 34 1.60 23.89 -6.71
C GLY A 34 1.49 22.70 -7.65
N GLY A 35 1.36 21.51 -7.08
CA GLY A 35 1.24 20.30 -7.86
C GLY A 35 0.07 19.47 -7.36
N ILE A 36 0.24 18.15 -7.33
CA ILE A 36 -0.82 17.30 -6.81
C ILE A 36 -1.01 17.62 -5.34
N GLY A 37 -2.24 17.91 -4.97
CA GLY A 37 -2.52 18.36 -3.61
C GLY A 37 -3.52 17.49 -2.91
N LEU A 38 -4.07 17.98 -1.81
CA LEU A 38 -4.94 17.17 -0.97
C LEU A 38 -6.23 16.78 -1.66
N ASP A 39 -6.77 17.66 -2.50
CA ASP A 39 -8.05 17.37 -3.16
C ASP A 39 -7.97 16.16 -4.09
N ALA A 40 -6.77 15.83 -4.58
CA ALA A 40 -6.55 14.65 -5.42
C ALA A 40 -6.64 13.36 -4.61
N LEU A 41 -6.47 13.46 -3.29
CA LEU A 41 -6.51 12.27 -2.41
C LEU A 41 -5.63 11.13 -2.92
N ASP A 42 -4.45 11.48 -3.42
CA ASP A 42 -3.51 10.51 -3.98
C ASP A 42 -2.54 10.04 -2.91
N ASP A 43 -1.63 9.15 -3.27
CA ASP A 43 -0.72 8.58 -2.29
C ASP A 43 0.20 9.61 -1.67
N GLY A 44 0.47 10.70 -2.39
CA GLY A 44 1.25 11.79 -1.86
C GLY A 44 0.93 13.08 -2.59
N ALA A 45 1.66 14.14 -2.23
CA ALA A 45 1.53 15.44 -2.89
C ALA A 45 2.78 15.71 -3.68
N THR A 46 2.68 16.61 -4.67
CA THR A 46 3.88 16.97 -5.44
C THR A 46 4.05 18.48 -5.46
N ILE A 47 5.32 18.89 -5.55
CA ILE A 47 5.67 20.31 -5.55
C ILE A 47 6.72 20.53 -6.63
N PRO A 48 6.46 21.45 -7.58
CA PRO A 48 7.48 21.76 -8.59
C PRO A 48 8.78 22.23 -7.94
N PHE A 49 9.90 21.69 -8.40
CA PHE A 49 11.20 22.17 -7.96
C PHE A 49 12.22 22.00 -9.06
N GLY A 50 12.65 23.12 -9.61
CA GLY A 50 13.46 23.10 -10.80
C GLY A 50 12.65 22.39 -11.87
N ASP A 51 13.30 21.46 -12.57
CA ASP A 51 12.63 20.72 -13.63
C ASP A 51 12.12 19.37 -13.14
N LYS A 52 12.14 19.16 -11.83
CA LYS A 52 11.62 17.93 -11.23
C LYS A 52 10.53 18.26 -10.22
N HIS A 53 10.16 17.27 -9.40
CA HIS A 53 9.08 17.45 -8.45
C HIS A 53 9.47 16.83 -7.12
N ILE A 54 9.25 17.58 -6.04
CA ILE A 54 9.36 17.02 -4.70
C ILE A 54 8.07 16.29 -4.44
N VAL A 55 8.15 15.08 -3.91
CA VAL A 55 6.97 14.32 -3.51
C VAL A 55 7.01 14.14 -1.99
N PHE A 56 5.85 14.32 -1.35
CA PHE A 56 5.73 14.40 0.11
C PHE A 56 4.58 13.49 0.53
N THR A 57 4.81 12.67 1.55
CA THR A 57 3.78 11.75 2.01
C THR A 57 3.97 11.45 3.50
N ILE A 58 2.92 10.96 4.15
CA ILE A 58 3.02 10.61 5.56
C ILE A 58 2.06 9.47 5.87
N ASP A 59 2.49 8.56 6.75
CA ASP A 59 1.59 7.55 7.29
C ASP A 59 1.87 7.34 8.76
N GLY A 60 0.79 7.24 9.52
CA GLY A 60 0.87 6.77 10.90
C GLY A 60 0.78 5.26 10.90
N HIS A 61 1.44 4.61 11.85
CA HIS A 61 1.40 3.15 11.95
C HIS A 61 1.02 2.72 13.35
N THR A 62 -0.04 1.93 13.43
CA THR A 62 -0.66 1.53 14.69
C THR A 62 -0.91 0.02 14.69
N VAL A 63 -0.09 -0.71 13.96
CA VAL A 63 -0.28 -2.16 13.82
C VAL A 63 -0.18 -2.88 15.17
N LYS A 64 -0.96 -3.95 15.31
N LYS A 64 -0.96 -3.95 15.31
CA LYS A 64 -0.85 -4.85 16.46
CA LYS A 64 -0.85 -4.85 16.46
C LYS A 64 -0.82 -6.28 15.96
C LYS A 64 -0.81 -6.28 15.95
N PRO A 65 0.04 -7.13 16.53
CA PRO A 65 1.07 -6.78 17.52
C PRO A 65 2.21 -6.01 16.87
N LEU A 66 3.12 -5.44 17.68
CA LEU A 66 4.24 -4.68 17.14
C LEU A 66 5.16 -5.55 16.29
N PHE A 67 5.32 -6.82 16.67
CA PHE A 67 6.13 -7.78 15.92
C PHE A 67 5.23 -8.92 15.48
N PHE A 68 5.33 -9.29 14.20
CA PHE A 68 4.46 -10.31 13.63
C PHE A 68 5.27 -11.11 12.61
N PRO A 69 4.74 -12.25 12.15
CA PRO A 69 5.52 -13.00 11.17
C PRO A 69 5.76 -12.20 9.89
N GLY A 70 7.03 -12.07 9.53
CA GLY A 70 7.44 -11.35 8.32
C GLY A 70 7.71 -9.87 8.51
N GLY A 71 7.52 -9.34 9.71
CA GLY A 71 7.77 -7.91 9.90
C GLY A 71 7.49 -7.38 11.27
N ASP A 72 7.37 -6.06 11.36
CA ASP A 72 7.11 -5.38 12.61
C ASP A 72 6.75 -3.95 12.30
N ILE A 73 6.35 -3.20 13.32
CA ILE A 73 5.94 -1.81 13.13
C ILE A 73 7.05 -0.94 12.53
N GLY A 74 8.30 -1.27 12.80
CA GLY A 74 9.41 -0.51 12.24
C GLY A 74 9.59 -0.75 10.75
N ARG A 75 9.65 -2.02 10.35
CA ARG A 75 9.71 -2.35 8.93
C ARG A 75 8.49 -1.80 8.19
N LEU A 76 7.32 -1.89 8.81
CA LEU A 76 6.09 -1.34 8.24
C LEU A 76 6.18 0.17 8.06
N ALA A 77 6.70 0.87 9.07
CA ALA A 77 6.76 2.34 8.99
C ALA A 77 7.65 2.81 7.87
N VAL A 78 8.78 2.12 7.66
CA VAL A 78 9.68 2.52 6.59
C VAL A 78 9.10 2.08 5.25
N SER A 79 8.65 0.83 5.17
CA SER A 79 8.11 0.31 3.91
C SER A 79 6.89 1.09 3.41
N GLY A 80 5.96 1.40 4.30
CA GLY A 80 4.71 1.98 3.85
C GLY A 80 4.91 3.37 3.27
N THR A 81 5.80 4.13 3.88
CA THR A 81 6.06 5.49 3.42
C THR A 81 6.95 5.51 2.18
N VAL A 82 7.93 4.61 2.10
CA VAL A 82 8.70 4.45 0.88
C VAL A 82 7.78 4.06 -0.26
N ASN A 83 6.82 3.18 0.01
CA ASN A 83 5.93 2.71 -1.05
C ASN A 83 4.98 3.79 -1.54
N ASP A 84 4.50 4.65 -0.64
CA ASP A 84 3.65 5.75 -1.08
C ASP A 84 4.44 6.74 -1.95
N LEU A 85 5.72 6.93 -1.64
CA LEU A 85 6.57 7.72 -2.54
C LEU A 85 6.73 7.01 -3.88
N ALA A 86 7.01 5.71 -3.85
CA ALA A 86 7.27 4.98 -5.08
C ALA A 86 6.07 4.99 -6.02
N VAL A 87 4.87 4.88 -5.48
CA VAL A 87 3.69 4.82 -6.34
C VAL A 87 3.26 6.20 -6.86
N MET A 88 3.96 7.25 -6.40
CA MET A 88 3.86 8.56 -7.02
C MET A 88 4.95 8.77 -8.06
N GLY A 89 5.81 7.77 -8.26
CA GLY A 89 6.91 7.88 -9.20
C GLY A 89 8.16 8.54 -8.63
N ALA A 90 8.26 8.58 -7.30
CA ALA A 90 9.36 9.30 -6.66
C ALA A 90 10.44 8.43 -6.06
N GLU A 91 11.68 8.75 -6.38
CA GLU A 91 12.84 8.14 -5.72
C GLU A 91 12.92 8.66 -4.28
N PRO A 92 12.91 7.76 -3.29
CA PRO A 92 12.97 8.22 -1.90
C PRO A 92 14.30 8.88 -1.58
N ILE A 93 14.27 10.06 -0.96
CA ILE A 93 15.51 10.71 -0.54
C ILE A 93 15.65 10.93 0.98
N ALA A 94 14.53 10.98 1.71
CA ALA A 94 14.64 11.15 3.15
C ALA A 94 13.37 10.73 3.85
N LEU A 95 13.53 10.16 5.05
CA LEU A 95 12.40 9.85 5.93
C LEU A 95 12.52 10.60 7.23
N ALA A 96 11.36 10.84 7.85
CA ALA A 96 11.27 11.41 9.19
C ALA A 96 10.55 10.43 10.09
N ASN A 97 11.04 10.27 11.33
CA ASN A 97 10.56 9.24 12.24
C ASN A 97 9.98 9.83 13.51
N SER A 98 8.65 9.96 13.57
CA SER A 98 7.98 10.29 14.84
C SER A 98 7.57 9.04 15.59
N MET A 99 7.92 8.98 16.87
CA MET A 99 7.50 7.85 17.70
C MET A 99 6.73 8.36 18.89
N ILE A 100 5.63 7.68 19.19
CA ILE A 100 4.85 7.98 20.38
C ILE A 100 4.78 6.69 21.17
N ILE A 101 5.38 6.68 22.35
CA ILE A 101 5.66 5.45 23.08
C ILE A 101 4.88 5.42 24.40
N GLY A 102 4.32 4.26 24.72
CA GLY A 102 3.65 4.11 26.00
C GLY A 102 4.65 3.97 27.15
N GLU A 103 4.42 4.73 28.21
CA GLU A 103 5.20 4.61 29.44
C GLU A 103 5.25 3.14 29.87
N GLY A 104 6.45 2.67 30.18
CA GLY A 104 6.62 1.29 30.64
C GLY A 104 7.05 0.31 29.58
N LEU A 105 7.07 0.73 28.31
CA LEU A 105 7.55 -0.16 27.26
C LEU A 105 9.00 -0.54 27.53
N ASP A 106 9.34 -1.81 27.29
N ASP A 106 9.33 -1.81 27.26
CA ASP A 106 10.72 -2.21 27.51
CA ASP A 106 10.70 -2.28 27.37
C ASP A 106 11.64 -1.55 26.50
C ASP A 106 11.63 -1.51 26.46
N MET A 107 12.76 -1.04 26.99
CA MET A 107 13.77 -0.39 26.16
C MET A 107 14.21 -1.28 24.99
N GLU A 108 14.24 -2.59 25.22
N GLU A 108 14.25 -2.59 25.21
CA GLU A 108 14.66 -3.51 24.17
CA GLU A 108 14.67 -3.50 24.16
C GLU A 108 13.70 -3.51 22.98
C GLU A 108 13.69 -3.51 22.98
N VAL A 109 12.42 -3.25 23.26
CA VAL A 109 11.42 -3.18 22.19
C VAL A 109 11.72 -1.97 21.30
N LEU A 110 12.02 -0.84 21.92
CA LEU A 110 12.37 0.36 21.16
C LEU A 110 13.61 0.12 20.31
N LYS A 111 14.62 -0.52 20.91
CA LYS A 111 15.85 -0.82 20.19
C LYS A 111 15.58 -1.71 18.99
N ARG A 112 14.75 -2.74 19.19
N ARG A 112 14.74 -2.72 19.20
CA ARG A 112 14.41 -3.67 18.12
CA ARG A 112 14.39 -3.67 18.15
C ARG A 112 13.65 -2.99 16.99
C ARG A 112 13.65 -3.00 17.00
N VAL A 113 12.69 -2.13 17.33
CA VAL A 113 11.97 -1.39 16.29
C VAL A 113 12.91 -0.50 15.49
N LEU A 114 13.81 0.21 16.17
CA LEU A 114 14.77 1.07 15.49
C LEU A 114 15.71 0.28 14.58
N LYS A 115 16.16 -0.87 15.06
N LYS A 115 16.14 -0.89 15.06
CA LYS A 115 17.06 -1.71 14.26
CA LYS A 115 17.01 -1.78 14.27
C LYS A 115 16.36 -2.19 13.00
C LYS A 115 16.34 -2.20 12.98
N SER A 116 15.09 -2.56 13.13
N SER A 116 15.08 -2.60 13.09
CA SER A 116 14.31 -2.98 11.98
CA SER A 116 14.30 -3.00 11.92
C SER A 116 14.10 -1.83 10.99
C SER A 116 14.10 -1.82 10.97
N MET A 117 13.87 -0.64 11.53
CA MET A 117 13.72 0.54 10.68
C MET A 117 14.99 0.78 9.90
N ASP A 118 16.13 0.69 10.57
CA ASP A 118 17.39 0.92 9.90
C ASP A 118 17.67 -0.15 8.83
N GLU A 119 17.44 -1.40 9.18
CA GLU A 119 17.68 -2.47 8.21
C GLU A 119 16.81 -2.28 6.97
N THR A 120 15.56 -1.90 7.18
CA THR A 120 14.63 -1.73 6.08
C THR A 120 15.01 -0.52 5.24
N ALA A 121 15.35 0.58 5.91
CA ALA A 121 15.80 1.77 5.21
C ALA A 121 17.03 1.48 4.34
N ARG A 122 17.92 0.63 4.85
N ARG A 122 17.93 0.64 4.84
CA ARG A 122 19.15 0.29 4.12
CA ARG A 122 19.15 0.29 4.12
C ARG A 122 18.86 -0.48 2.84
C ARG A 122 18.86 -0.47 2.83
N GLU A 123 17.72 -1.17 2.79
CA GLU A 123 17.31 -1.89 1.60
C GLU A 123 16.98 -0.98 0.42
N VAL A 124 16.61 0.26 0.71
CA VAL A 124 16.07 1.13 -0.32
C VAL A 124 17.11 1.67 -1.35
N PRO A 125 18.17 2.38 -0.90
CA PRO A 125 18.48 2.86 0.45
C PRO A 125 17.92 4.27 0.64
N VAL A 126 17.57 4.60 1.88
CA VAL A 126 17.08 5.95 2.19
C VAL A 126 17.42 6.26 3.65
N PRO A 127 17.85 7.50 3.93
CA PRO A 127 18.19 7.82 5.32
C PRO A 127 17.01 8.33 6.13
N ILE A 128 17.08 8.10 7.43
CA ILE A 128 16.12 8.68 8.38
C ILE A 128 16.84 9.89 8.96
N VAL A 129 16.43 11.08 8.55
CA VAL A 129 17.24 12.28 8.78
C VAL A 129 16.73 13.18 9.90
N THR A 130 15.53 12.90 10.40
CA THR A 130 14.92 13.74 11.41
C THR A 130 13.81 12.94 12.08
N GLY A 131 13.41 13.35 13.28
CA GLY A 131 12.43 12.57 14.02
C GLY A 131 11.91 13.29 15.23
N ASP A 132 11.15 12.57 16.04
CA ASP A 132 10.59 13.10 17.28
C ASP A 132 10.24 11.95 18.19
N THR A 133 10.30 12.19 19.50
CA THR A 133 9.95 11.16 20.48
C THR A 133 9.04 11.76 21.53
N LYS A 134 7.85 11.18 21.69
CA LYS A 134 6.93 11.55 22.77
C LYS A 134 6.62 10.29 23.57
N VAL A 135 6.38 10.47 24.87
CA VAL A 135 6.02 9.34 25.72
C VAL A 135 4.75 9.72 26.46
N VAL A 136 3.76 8.83 26.43
CA VAL A 136 2.48 9.09 27.05
C VAL A 136 2.17 8.02 28.09
N GLU A 137 1.35 8.36 29.05
CA GLU A 137 0.99 7.39 30.08
C GLU A 137 -0.03 6.39 29.56
N ASP A 138 -0.70 6.74 28.46
CA ASP A 138 -1.70 5.87 27.84
C ASP A 138 -1.12 4.49 27.52
N LYS A 139 -1.95 3.44 27.60
N LYS A 139 -1.97 3.47 27.67
CA LYS A 139 -1.43 2.09 27.38
CA LYS A 139 -1.53 2.09 27.51
C LYS A 139 -1.39 1.67 25.91
C LYS A 139 -1.49 1.66 26.05
N ILE A 140 -0.50 2.28 25.13
N ILE A 140 -0.89 2.51 25.22
CA ILE A 140 -0.54 2.11 23.68
CA ILE A 140 -0.50 2.09 23.90
C ILE A 140 0.56 1.23 23.09
C ILE A 140 0.86 1.47 24.11
N GLU A 141 1.56 0.88 23.89
N GLU A 141 1.34 0.69 23.15
CA GLU A 141 2.81 0.28 23.41
CA GLU A 141 2.71 0.22 23.21
C GLU A 141 3.60 1.28 22.56
C GLU A 141 3.59 1.23 22.48
N MET A 142 3.31 1.36 21.26
N MET A 142 3.32 1.37 21.18
CA MET A 142 4.02 2.32 20.41
CA MET A 142 4.06 2.34 20.38
C MET A 142 3.27 2.60 19.12
C MET A 142 3.31 2.60 19.09
N PHE A 143 3.26 3.87 18.70
CA PHE A 143 2.85 4.24 17.35
C PHE A 143 4.08 4.84 16.68
N VAL A 144 4.24 4.58 15.39
CA VAL A 144 5.36 5.12 14.64
C VAL A 144 4.79 5.85 13.43
N ILE A 145 5.22 7.09 13.22
CA ILE A 145 4.66 7.91 12.15
C ILE A 145 5.81 8.35 11.29
N THR A 146 5.81 7.94 10.02
CA THR A 146 6.89 8.32 9.12
C THR A 146 6.40 9.22 8.01
N ALA A 147 7.14 10.30 7.78
CA ALA A 147 6.93 11.12 6.60
C ALA A 147 8.07 10.87 5.64
N GLY A 148 7.83 11.13 4.36
CA GLY A 148 8.86 10.90 3.36
C GLY A 148 8.93 12.00 2.32
N ILE A 149 10.14 12.28 1.86
N ILE A 149 10.15 12.24 1.86
CA ILE A 149 10.39 13.15 0.72
CA ILE A 149 10.43 13.12 0.72
C ILE A 149 11.03 12.31 -0.38
C ILE A 149 11.05 12.29 -0.38
N GLY A 150 10.54 12.46 -1.61
CA GLY A 150 11.13 11.82 -2.77
C GLY A 150 11.27 12.83 -3.90
N ILE A 151 11.96 12.46 -4.96
CA ILE A 151 12.06 13.30 -6.16
C ILE A 151 11.53 12.50 -7.35
N ALA A 152 10.58 13.07 -8.06
CA ALA A 152 10.02 12.43 -9.27
C ALA A 152 10.31 13.30 -10.47
N GLU A 153 10.79 12.70 -11.57
CA GLU A 153 10.92 13.46 -12.82
C GLU A 153 9.55 13.61 -13.45
N HIS A 154 8.71 12.60 -13.25
N HIS A 154 8.68 12.63 -13.19
CA HIS A 154 7.40 12.54 -13.89
CA HIS A 154 7.41 12.49 -13.89
C HIS A 154 6.41 11.82 -12.97
C HIS A 154 6.41 11.81 -12.96
N PRO A 155 5.74 12.59 -12.10
CA PRO A 155 4.81 12.01 -11.11
C PRO A 155 3.74 11.16 -11.76
N VAL A 156 3.42 10.06 -11.09
CA VAL A 156 2.39 9.16 -11.52
C VAL A 156 1.21 9.24 -10.56
N SER A 157 0.04 9.52 -11.11
N SER A 157 0.04 9.48 -11.14
CA SER A 157 -1.17 9.68 -10.30
CA SER A 157 -1.20 9.70 -10.44
C SER A 157 -1.89 8.36 -10.15
C SER A 157 -1.91 8.35 -10.20
N ASP A 158 -2.99 8.38 -9.42
CA ASP A 158 -3.90 7.24 -9.37
C ASP A 158 -5.09 7.48 -10.31
N ALA A 159 -5.01 8.53 -11.12
CA ALA A 159 -6.13 8.98 -11.94
C ALA A 159 -5.82 8.96 -13.42
N GLY A 160 -4.68 8.39 -13.79
CA GLY A 160 -4.22 8.45 -15.16
C GLY A 160 -4.50 7.24 -16.03
N ALA A 161 -5.30 6.29 -15.55
CA ALA A 161 -5.58 5.08 -16.34
C ALA A 161 -6.31 5.44 -17.63
N LYS A 162 -5.93 4.78 -18.72
CA LYS A 162 -6.53 5.03 -20.03
C LYS A 162 -7.15 3.76 -20.59
N VAL A 163 -8.23 3.92 -21.37
CA VAL A 163 -8.88 2.77 -22.00
C VAL A 163 -7.88 1.98 -22.84
N GLY A 164 -7.86 0.67 -22.62
CA GLY A 164 -6.94 -0.20 -23.33
C GLY A 164 -5.73 -0.59 -22.52
N ASP A 165 -5.42 0.19 -21.49
CA ASP A 165 -4.24 -0.08 -20.65
C ASP A 165 -4.33 -1.43 -19.97
N ALA A 166 -3.16 -1.98 -19.66
CA ALA A 166 -3.07 -3.22 -18.90
C ALA A 166 -2.96 -2.93 -17.42
N VAL A 167 -3.49 -3.83 -16.61
CA VAL A 167 -3.45 -3.70 -15.16
C VAL A 167 -2.59 -4.83 -14.59
N LEU A 168 -1.53 -4.45 -13.87
CA LEU A 168 -0.60 -5.40 -13.27
C LEU A 168 -0.61 -5.31 -11.75
N VAL A 169 -0.32 -6.43 -11.11
CA VAL A 169 0.06 -6.43 -9.70
C VAL A 169 1.45 -7.03 -9.56
N SER A 170 2.23 -6.55 -8.59
CA SER A 170 3.63 -6.95 -8.50
C SER A 170 3.87 -8.28 -7.77
N GLY A 171 2.80 -8.89 -7.30
CA GLY A 171 2.94 -10.15 -6.59
C GLY A 171 1.66 -10.61 -5.96
N THR A 172 1.79 -11.57 -5.04
CA THR A 172 0.64 -12.19 -4.43
C THR A 172 -0.19 -11.23 -3.58
N ILE A 173 -1.48 -11.51 -3.51
CA ILE A 173 -2.45 -10.61 -2.91
C ILE A 173 -3.03 -11.22 -1.64
N GLY A 174 -3.09 -10.41 -0.58
CA GLY A 174 -3.67 -10.84 0.68
C GLY A 174 -2.70 -11.22 1.77
N ASP A 175 -1.42 -11.38 1.45
CA ASP A 175 -0.43 -11.87 2.41
C ASP A 175 -0.40 -11.16 3.75
N HIS A 176 -0.30 -9.83 3.75
CA HIS A 176 -0.15 -9.15 5.03
C HIS A 176 -1.35 -9.33 5.95
N GLY A 177 -2.55 -8.98 5.47
CA GLY A 177 -3.73 -9.06 6.30
C GLY A 177 -4.07 -10.47 6.74
N ILE A 178 -3.92 -11.41 5.83
CA ILE A 178 -4.21 -12.81 6.16
C ILE A 178 -3.14 -13.39 7.09
N ALA A 179 -1.87 -13.05 6.87
CA ALA A 179 -0.81 -13.49 7.78
C ALA A 179 -1.05 -12.94 9.18
N LEU A 180 -1.44 -11.67 9.27
CA LEU A 180 -1.66 -11.06 10.56
C LEU A 180 -2.81 -11.73 11.32
N MET A 181 -3.94 -11.92 10.66
CA MET A 181 -5.09 -12.59 11.28
C MET A 181 -4.76 -14.03 11.63
N SER A 182 -4.04 -14.72 10.74
CA SER A 182 -3.64 -16.11 11.03
C SER A 182 -2.79 -16.19 12.29
N HIS A 183 -1.85 -15.27 12.44
CA HIS A 183 -1.02 -15.20 13.64
C HIS A 183 -1.87 -14.99 14.89
N ARG A 184 -2.82 -14.06 14.83
CA ARG A 184 -3.70 -13.79 15.96
C ARG A 184 -4.53 -15.01 16.34
N GLU A 185 -4.93 -15.79 15.34
CA GLU A 185 -5.85 -16.90 15.54
C GLU A 185 -5.16 -18.26 15.68
N GLY A 186 -3.83 -18.28 15.62
CA GLY A 186 -3.09 -19.54 15.77
C GLY A 186 -3.17 -20.46 14.57
N ILE A 187 -3.46 -19.91 13.39
CA ILE A 187 -3.41 -20.67 12.15
C ILE A 187 -2.00 -20.64 11.58
N ALA A 188 -1.48 -21.80 11.22
CA ALA A 188 -0.17 -21.87 10.61
C ALA A 188 -0.04 -23.19 9.87
N PHE A 189 0.88 -23.27 8.91
CA PHE A 189 1.10 -24.50 8.18
C PHE A 189 2.44 -25.07 8.61
N GLU A 190 3.33 -25.44 7.70
CA GLU A 190 4.63 -25.94 8.12
C GLU A 190 5.39 -24.84 8.83
N THR A 191 5.21 -23.61 8.36
CA THR A 191 5.68 -22.41 9.04
C THR A 191 4.52 -21.43 9.13
N GLU A 192 4.69 -20.36 9.89
N GLU A 192 4.67 -20.37 9.92
CA GLU A 192 3.69 -19.30 9.93
CA GLU A 192 3.65 -19.33 9.93
C GLU A 192 3.65 -18.58 8.59
C GLU A 192 3.65 -18.55 8.62
N LEU A 193 2.46 -18.15 8.17
CA LEU A 193 2.33 -17.27 7.02
C LEU A 193 3.04 -15.97 7.36
N LYS A 194 3.79 -15.44 6.40
CA LYS A 194 4.54 -14.21 6.60
C LYS A 194 3.88 -13.03 5.90
N SER A 195 3.86 -11.90 6.58
CA SER A 195 3.54 -10.66 5.90
C SER A 195 4.53 -10.41 4.77
N ASP A 196 4.07 -9.67 3.76
CA ASP A 196 4.90 -9.26 2.63
C ASP A 196 5.55 -7.90 2.83
N VAL A 197 5.42 -7.34 4.03
CA VAL A 197 5.86 -5.94 4.24
C VAL A 197 7.30 -5.72 3.78
N ALA A 198 7.49 -4.75 2.87
CA ALA A 198 8.78 -4.49 2.26
C ALA A 198 8.67 -3.25 1.38
N PRO A 199 9.78 -2.53 1.20
CA PRO A 199 9.82 -1.40 0.26
C PRO A 199 9.89 -1.93 -1.16
N ILE A 200 9.11 -1.35 -2.07
CA ILE A 200 9.07 -1.83 -3.44
C ILE A 200 9.43 -0.77 -4.47
N TRP A 201 10.21 0.23 -4.05
CA TRP A 201 10.73 1.21 -4.98
C TRP A 201 11.51 0.50 -6.09
N ASP A 202 12.23 -0.57 -5.73
CA ASP A 202 12.98 -1.32 -6.75
C ASP A 202 12.12 -1.85 -7.88
N VAL A 203 10.91 -2.32 -7.55
CA VAL A 203 9.99 -2.83 -8.55
C VAL A 203 9.50 -1.71 -9.49
N VAL A 204 9.07 -0.60 -8.91
CA VAL A 204 8.59 0.51 -9.72
C VAL A 204 9.68 1.05 -10.61
N LYS A 205 10.86 1.27 -10.03
N LYS A 205 10.87 1.26 -10.04
CA LYS A 205 12.01 1.77 -10.78
CA LYS A 205 11.99 1.78 -10.80
C LYS A 205 12.38 0.86 -11.95
C LYS A 205 12.37 0.86 -11.96
N ALA A 206 12.34 -0.44 -11.71
CA ALA A 206 12.64 -1.42 -12.77
C ALA A 206 11.70 -1.27 -13.96
N VAL A 207 10.41 -1.08 -13.69
CA VAL A 207 9.48 -0.87 -14.78
C VAL A 207 9.74 0.44 -15.51
N ALA A 208 9.94 1.51 -14.75
CA ALA A 208 10.21 2.81 -15.35
C ALA A 208 11.45 2.80 -16.23
N GLU A 209 12.51 2.10 -15.80
CA GLU A 209 13.74 2.04 -16.59
C GLU A 209 13.55 1.26 -17.89
N THR A 210 12.52 0.42 -17.91
CA THR A 210 12.27 -0.43 -19.07
C THR A 210 11.30 0.22 -20.08
N ILE A 211 10.21 0.79 -19.60
CA ILE A 211 9.18 1.32 -20.50
C ILE A 211 9.06 2.84 -20.51
N GLY A 212 9.74 3.51 -19.57
CA GLY A 212 9.65 4.96 -19.45
C GLY A 212 8.47 5.39 -18.58
N TRP A 213 8.65 6.45 -17.80
CA TRP A 213 7.60 6.95 -16.93
C TRP A 213 6.29 7.28 -17.64
N GLU A 214 6.39 7.76 -18.88
CA GLU A 214 5.20 8.16 -19.61
C GLU A 214 4.26 6.98 -19.90
N ASN A 215 4.80 5.77 -19.87
CA ASN A 215 3.98 4.60 -20.15
C ASN A 215 3.44 3.92 -18.89
N ILE A 216 3.77 4.50 -17.74
CA ILE A 216 3.15 4.08 -16.48
C ILE A 216 2.07 5.12 -16.20
N HIS A 217 0.82 4.72 -16.36
CA HIS A 217 -0.29 5.67 -16.36
C HIS A 217 -0.91 5.87 -14.99
N ALA A 218 -0.85 4.85 -14.14
CA ALA A 218 -1.41 4.98 -12.80
C ALA A 218 -0.77 3.94 -11.88
N MET A 219 -0.68 4.27 -10.59
CA MET A 219 -0.25 3.31 -9.57
C MET A 219 -0.94 3.62 -8.26
N LYS A 220 -1.15 2.58 -7.46
CA LYS A 220 -1.42 2.73 -6.03
C LYS A 220 -0.84 1.52 -5.34
N ASP A 221 -0.44 1.67 -4.08
CA ASP A 221 -0.11 0.49 -3.28
C ASP A 221 -1.37 0.02 -2.58
N PRO A 222 -1.69 -1.27 -2.71
CA PRO A 222 -2.98 -1.76 -2.20
C PRO A 222 -2.93 -2.06 -0.70
N THR A 223 -2.86 -0.99 0.06
CA THR A 223 -2.78 -1.02 1.51
C THR A 223 -4.18 -1.19 2.13
N ARG A 224 -4.59 -0.37 3.10
CA ARG A 224 -5.86 -0.63 3.79
C ARG A 224 -7.02 -0.80 2.81
N ALA A 225 -7.80 -1.86 3.04
CA ALA A 225 -8.96 -2.25 2.22
C ALA A 225 -8.58 -2.92 0.90
N GLY A 226 -7.28 -3.15 0.70
CA GLY A 226 -6.81 -4.17 -0.22
C GLY A 226 -6.81 -3.86 -1.69
N LEU A 227 -6.59 -4.91 -2.48
CA LEU A 227 -6.61 -4.84 -3.93
C LEU A 227 -7.93 -4.27 -4.43
N SER A 228 -9.03 -4.69 -3.83
N SER A 228 -9.03 -4.68 -3.83
CA SER A 228 -10.34 -4.21 -4.25
CA SER A 228 -10.34 -4.22 -4.28
C SER A 228 -10.46 -2.71 -4.10
C SER A 228 -10.50 -2.70 -4.09
N ASN A 229 -10.05 -2.19 -2.95
CA ASN A 229 -10.07 -0.75 -2.75
C ASN A 229 -9.20 -0.01 -3.77
N ALA A 230 -8.00 -0.53 -4.03
CA ALA A 230 -7.07 0.13 -4.93
C ALA A 230 -7.60 0.15 -6.36
N LEU A 231 -8.12 -0.97 -6.83
CA LEU A 231 -8.65 -1.03 -8.18
C LEU A 231 -9.86 -0.13 -8.35
N ASN A 232 -10.74 -0.14 -7.36
CA ASN A 232 -11.93 0.71 -7.40
C ASN A 232 -11.58 2.18 -7.38
N GLU A 233 -10.54 2.55 -6.62
CA GLU A 233 -10.14 3.95 -6.57
C GLU A 233 -9.51 4.42 -7.88
N ILE A 234 -8.66 3.60 -8.48
CA ILE A 234 -8.07 3.93 -9.77
C ILE A 234 -9.16 4.08 -10.83
N ALA A 235 -10.13 3.17 -10.83
CA ALA A 235 -11.23 3.23 -11.80
C ALA A 235 -12.01 4.53 -11.63
N ARG A 236 -12.35 4.83 -10.38
N ARG A 236 -12.34 4.83 -10.38
CA ARG A 236 -13.12 6.03 -10.07
CA ARG A 236 -13.12 6.02 -10.03
C ARG A 236 -12.37 7.30 -10.43
C ARG A 236 -12.38 7.30 -10.40
N LYS A 237 -11.12 7.40 -10.00
CA LYS A 237 -10.31 8.60 -10.23
C LYS A 237 -10.02 8.81 -11.71
N SER A 238 -9.89 7.72 -12.45
CA SER A 238 -9.57 7.78 -13.87
C SER A 238 -10.81 7.81 -14.75
N ASN A 239 -11.97 7.61 -14.13
CA ASN A 239 -13.25 7.55 -14.85
C ASN A 239 -13.23 6.50 -15.95
N VAL A 240 -12.85 5.29 -15.57
CA VAL A 240 -12.79 4.17 -16.49
C VAL A 240 -13.31 2.95 -15.76
N GLY A 241 -13.58 1.87 -16.49
CA GLY A 241 -13.88 0.61 -15.88
C GLY A 241 -12.62 -0.22 -15.88
N ILE A 242 -12.54 -1.18 -14.97
CA ILE A 242 -11.43 -2.13 -14.96
C ILE A 242 -11.99 -3.54 -14.98
N LEU A 243 -11.54 -4.32 -15.96
CA LEU A 243 -11.96 -5.70 -16.10
C LEU A 243 -10.81 -6.61 -15.70
N VAL A 244 -10.98 -7.36 -14.62
N VAL A 244 -11.03 -7.39 -14.64
CA VAL A 244 -9.94 -8.26 -14.17
CA VAL A 244 -10.01 -8.28 -14.06
C VAL A 244 -10.34 -9.72 -14.28
C VAL A 244 -10.36 -9.74 -14.26
N ARG A 245 -9.38 -10.56 -14.67
CA ARG A 245 -9.59 -12.00 -14.74
C ARG A 245 -9.17 -12.60 -13.41
N GLU A 246 -10.15 -13.08 -12.66
CA GLU A 246 -9.92 -13.52 -11.28
C GLU A 246 -8.84 -14.58 -11.19
N ALA A 247 -8.81 -15.49 -12.17
CA ALA A 247 -7.87 -16.59 -12.12
C ALA A 247 -6.42 -16.12 -12.28
N ASP A 248 -6.24 -14.90 -12.77
CA ASP A 248 -4.90 -14.38 -13.01
C ASP A 248 -4.33 -13.61 -11.81
N ILE A 249 -5.15 -13.34 -10.81
CA ILE A 249 -4.69 -12.67 -9.59
C ILE A 249 -3.89 -13.67 -8.76
N PRO A 250 -2.60 -13.41 -8.53
CA PRO A 250 -1.78 -14.35 -7.77
C PRO A 250 -2.20 -14.39 -6.29
N ILE A 251 -2.54 -15.58 -5.80
CA ILE A 251 -2.81 -15.76 -4.38
C ILE A 251 -1.99 -16.96 -3.92
N ARG A 252 -1.21 -16.76 -2.87
CA ARG A 252 -0.42 -17.82 -2.27
C ARG A 252 -1.39 -18.91 -1.79
N PRO A 253 -1.08 -20.18 -2.06
CA PRO A 253 -1.98 -21.26 -1.66
C PRO A 253 -2.33 -21.25 -0.17
N GLU A 254 -1.34 -20.97 0.67
CA GLU A 254 -1.53 -20.90 2.10
C GLU A 254 -2.44 -19.72 2.49
N VAL A 255 -2.33 -18.64 1.73
CA VAL A 255 -3.19 -17.48 1.96
C VAL A 255 -4.65 -17.79 1.61
N ARG A 256 -4.87 -18.49 0.50
N ARG A 256 -4.87 -18.50 0.50
N ARG A 256 -4.86 -18.47 0.48
CA ARG A 256 -6.21 -18.88 0.12
CA ARG A 256 -6.23 -18.90 0.14
CA ARG A 256 -6.20 -18.91 0.11
C ARG A 256 -6.84 -19.77 1.21
C ARG A 256 -6.83 -19.75 1.24
C ARG A 256 -6.82 -19.75 1.23
N ALA A 257 -6.09 -20.78 1.63
CA ALA A 257 -6.58 -21.71 2.65
C ALA A 257 -6.90 -21.00 3.94
N ALA A 258 -5.97 -20.17 4.41
CA ALA A 258 -6.20 -19.44 5.64
C ALA A 258 -7.37 -18.47 5.54
N SER A 259 -7.48 -17.76 4.41
CA SER A 259 -8.59 -16.85 4.21
C SER A 259 -9.93 -17.56 4.25
N GLU A 260 -9.98 -18.79 3.74
CA GLU A 260 -11.21 -19.59 3.80
C GLU A 260 -11.56 -19.93 5.24
N MET A 261 -10.55 -20.33 6.01
N MET A 261 -10.57 -20.32 6.04
CA MET A 261 -10.74 -20.66 7.42
CA MET A 261 -10.85 -20.64 7.43
C MET A 261 -11.18 -19.43 8.23
C MET A 261 -11.21 -19.41 8.24
N LEU A 262 -10.66 -18.26 7.85
CA LEU A 262 -10.96 -17.01 8.54
C LEU A 262 -12.28 -16.37 8.09
N GLY A 263 -12.75 -16.76 6.91
CA GLY A 263 -13.93 -16.14 6.34
C GLY A 263 -13.69 -14.70 5.94
N ILE A 264 -12.49 -14.43 5.44
CA ILE A 264 -12.08 -13.07 5.04
C ILE A 264 -11.60 -13.10 3.60
N SER A 265 -12.02 -12.13 2.79
CA SER A 265 -11.56 -12.07 1.40
C SER A 265 -10.15 -11.51 1.28
N PRO A 266 -9.25 -12.24 0.61
CA PRO A 266 -7.89 -11.73 0.46
C PRO A 266 -7.83 -10.46 -0.42
N TYR A 267 -8.91 -10.15 -1.13
CA TYR A 267 -8.92 -8.96 -1.98
C TYR A 267 -9.17 -7.71 -1.16
N ASP A 268 -9.67 -7.88 0.07
CA ASP A 268 -10.17 -6.75 0.86
C ASP A 268 -9.25 -6.36 2.01
N VAL A 269 -8.11 -7.04 2.14
CA VAL A 269 -7.21 -6.77 3.25
C VAL A 269 -5.90 -6.13 2.77
N ALA A 270 -5.28 -5.35 3.64
CA ALA A 270 -4.06 -4.65 3.28
C ALA A 270 -2.93 -5.56 2.83
N ASN A 271 -2.22 -5.12 1.80
CA ASN A 271 -0.94 -5.65 1.40
C ASN A 271 0.10 -4.63 1.78
N GLU A 272 1.33 -5.08 2.09
N GLU A 272 1.32 -5.07 2.07
CA GLU A 272 2.37 -4.15 2.52
CA GLU A 272 2.35 -4.13 2.51
C GLU A 272 3.66 -4.20 1.71
C GLU A 272 3.67 -4.23 1.75
N GLY A 273 3.69 -5.01 0.66
CA GLY A 273 4.84 -5.09 -0.21
C GLY A 273 4.47 -5.21 -1.67
N LYS A 274 3.42 -4.49 -2.08
CA LYS A 274 2.88 -4.64 -3.44
C LYS A 274 2.58 -3.31 -4.12
N VAL A 275 2.58 -3.34 -5.45
CA VAL A 275 2.11 -2.21 -6.24
C VAL A 275 1.11 -2.67 -7.31
N VAL A 276 0.03 -1.93 -7.45
CA VAL A 276 -0.88 -2.05 -8.59
C VAL A 276 -0.47 -1.01 -9.62
N MET A 277 -0.21 -1.47 -10.83
CA MET A 277 0.33 -0.58 -11.86
C MET A 277 -0.48 -0.69 -13.14
N VAL A 278 -0.79 0.47 -13.73
CA VAL A 278 -1.55 0.51 -14.97
C VAL A 278 -0.62 1.04 -16.05
N VAL A 279 -0.43 0.26 -17.11
CA VAL A 279 0.57 0.64 -18.12
C VAL A 279 -0.01 0.65 -19.53
N ALA A 280 0.61 1.43 -20.41
CA ALA A 280 0.24 1.44 -21.83
C ALA A 280 0.20 0.02 -22.38
N ARG A 281 -0.89 -0.30 -23.07
CA ARG A 281 -1.17 -1.63 -23.61
C ARG A 281 0.02 -2.27 -24.31
N GLU A 282 0.70 -1.48 -25.15
CA GLU A 282 1.79 -2.01 -25.95
C GLU A 282 3.06 -2.28 -25.13
N TYR A 283 3.05 -1.84 -23.87
CA TYR A 283 4.21 -2.03 -23.00
C TYR A 283 3.96 -3.00 -21.86
N ALA A 284 2.80 -3.64 -21.88
CA ALA A 284 2.38 -4.53 -20.79
C ALA A 284 3.36 -5.68 -20.53
N GLU A 285 3.77 -6.36 -21.59
CA GLU A 285 4.65 -7.51 -21.43
C GLU A 285 6.05 -7.11 -20.97
N GLU A 286 6.53 -5.96 -21.46
CA GLU A 286 7.84 -5.46 -21.05
C GLU A 286 7.80 -5.11 -19.56
N ALA A 287 6.71 -4.46 -19.14
CA ALA A 287 6.54 -4.08 -17.75
C ALA A 287 6.52 -5.32 -16.85
N LEU A 288 5.77 -6.32 -17.28
CA LEU A 288 5.65 -7.56 -16.52
C LEU A 288 7.00 -8.25 -16.38
N GLU A 289 7.73 -8.34 -17.49
CA GLU A 289 9.06 -8.93 -17.46
C GLU A 289 9.99 -8.15 -16.54
N ALA A 290 9.90 -6.83 -16.55
CA ALA A 290 10.75 -6.02 -15.68
C ALA A 290 10.46 -6.31 -14.20
N MET A 291 9.19 -6.41 -13.85
CA MET A 291 8.83 -6.77 -12.48
C MET A 291 9.36 -8.13 -12.10
N ARG A 292 9.13 -9.13 -12.96
CA ARG A 292 9.45 -10.51 -12.62
C ARG A 292 10.95 -10.77 -12.53
N LYS A 293 11.75 -9.88 -13.10
N LYS A 293 11.75 -9.86 -13.09
CA LYS A 293 13.20 -9.97 -12.98
CA LYS A 293 13.20 -9.95 -13.00
C LYS A 293 13.69 -9.56 -11.59
C LYS A 293 13.70 -9.55 -11.61
N THR A 294 12.88 -8.83 -10.85
CA THR A 294 13.26 -8.45 -9.50
C THR A 294 12.77 -9.51 -8.52
N GLU A 295 13.42 -9.56 -7.36
CA GLU A 295 13.02 -10.51 -6.32
C GLU A 295 11.65 -10.17 -5.76
N LYS A 296 11.41 -8.90 -5.44
CA LYS A 296 10.16 -8.51 -4.83
C LYS A 296 8.99 -8.54 -5.80
N GLY A 297 9.30 -8.52 -7.10
CA GLY A 297 8.26 -8.59 -8.12
C GLY A 297 8.21 -9.94 -8.83
N ARG A 298 8.87 -10.94 -8.26
CA ARG A 298 9.01 -12.24 -8.91
C ARG A 298 7.67 -12.92 -9.26
N ASN A 299 6.62 -12.62 -8.51
CA ASN A 299 5.31 -13.20 -8.74
C ASN A 299 4.32 -12.27 -9.43
N ALA A 300 4.83 -11.23 -10.09
CA ALA A 300 3.99 -10.25 -10.76
C ALA A 300 3.12 -10.88 -11.84
N ALA A 301 1.98 -10.27 -12.10
CA ALA A 301 1.06 -10.77 -13.10
C ALA A 301 0.25 -9.64 -13.73
N ILE A 302 -0.06 -9.78 -15.00
CA ILE A 302 -1.08 -8.96 -15.63
C ILE A 302 -2.42 -9.55 -15.25
N ILE A 303 -3.28 -8.74 -14.63
CA ILE A 303 -4.53 -9.26 -14.10
C ILE A 303 -5.77 -8.73 -14.78
N GLY A 304 -5.62 -7.72 -15.63
CA GLY A 304 -6.79 -7.15 -16.27
C GLY A 304 -6.50 -6.04 -17.25
N GLU A 305 -7.56 -5.34 -17.64
CA GLU A 305 -7.45 -4.25 -18.59
C GLU A 305 -8.47 -3.17 -18.29
N VAL A 306 -8.14 -1.95 -18.74
CA VAL A 306 -9.00 -0.80 -18.54
C VAL A 306 -10.01 -0.73 -19.70
N ILE A 307 -11.27 -0.56 -19.36
CA ILE A 307 -12.35 -0.52 -20.36
C ILE A 307 -13.12 0.80 -20.30
N ALA A 308 -13.86 1.09 -21.37
CA ALA A 308 -14.55 2.38 -21.49
C ALA A 308 -15.89 2.42 -20.77
N ASP A 309 -16.56 1.28 -20.65
CA ASP A 309 -17.81 1.23 -19.91
C ASP A 309 -17.60 0.81 -18.46
N TYR A 310 -18.69 0.76 -17.70
CA TYR A 310 -18.63 0.51 -16.27
C TYR A 310 -17.65 1.47 -15.59
N ARG A 311 -17.71 2.73 -15.98
CA ARG A 311 -16.79 3.74 -15.47
C ARG A 311 -16.88 3.84 -13.95
N GLY A 312 -15.73 3.82 -13.30
CA GLY A 312 -15.67 3.87 -11.86
C GLY A 312 -15.93 2.54 -11.18
N LYS A 313 -16.04 1.47 -11.97
CA LYS A 313 -16.31 0.14 -11.44
C LYS A 313 -15.23 -0.86 -11.82
N VAL A 314 -15.20 -1.97 -11.08
CA VAL A 314 -14.26 -3.05 -11.33
C VAL A 314 -15.02 -4.36 -11.53
N LEU A 315 -14.77 -5.01 -12.66
CA LEU A 315 -15.44 -6.26 -12.99
C LEU A 315 -14.49 -7.43 -12.85
N LEU A 316 -14.99 -8.54 -12.31
CA LEU A 316 -14.21 -9.76 -12.15
C LEU A 316 -14.69 -10.81 -13.13
N GLU A 317 -13.80 -11.25 -14.01
CA GLU A 317 -14.14 -12.27 -15.00
C GLU A 317 -13.75 -13.66 -14.53
N THR A 318 -14.69 -14.60 -14.56
CA THR A 318 -14.43 -15.97 -14.14
C THR A 318 -14.84 -16.99 -15.20
N GLY A 319 -14.51 -18.25 -14.94
CA GLY A 319 -14.89 -19.34 -15.83
C GLY A 319 -14.45 -19.13 -17.26
N ILE A 320 -15.42 -19.06 -18.16
CA ILE A 320 -15.12 -18.90 -19.58
C ILE A 320 -15.51 -17.51 -20.06
N GLY A 321 -15.93 -16.65 -19.14
CA GLY A 321 -16.26 -15.28 -19.49
C GLY A 321 -17.18 -14.52 -18.57
N GLY A 322 -17.86 -15.23 -17.66
CA GLY A 322 -18.78 -14.61 -16.73
C GLY A 322 -18.18 -13.45 -15.97
N LYS A 323 -19.01 -12.49 -15.57
CA LYS A 323 -18.54 -11.26 -14.94
C LYS A 323 -19.39 -10.81 -13.77
N ARG A 324 -18.75 -10.37 -12.69
CA ARG A 324 -19.45 -9.78 -11.56
C ARG A 324 -18.62 -8.60 -11.07
N PHE A 325 -19.17 -7.81 -10.17
CA PHE A 325 -18.42 -6.67 -9.66
C PHE A 325 -17.50 -7.06 -8.52
N MET A 326 -16.29 -6.51 -8.53
N MET A 326 -16.31 -6.49 -8.51
CA MET A 326 -15.43 -6.59 -7.36
CA MET A 326 -15.43 -6.58 -7.37
C MET A 326 -15.78 -5.40 -6.48
C MET A 326 -15.77 -5.40 -6.47
N GLU A 327 -16.53 -5.65 -5.42
CA GLU A 327 -17.08 -4.58 -4.60
C GLU A 327 -16.06 -4.00 -3.63
N PRO A 328 -15.94 -2.68 -3.60
CA PRO A 328 -15.05 -2.00 -2.66
C PRO A 328 -15.58 -2.15 -1.24
N PRO A 329 -14.70 -2.53 -0.30
CA PRO A 329 -15.11 -2.74 1.08
C PRO A 329 -15.52 -1.44 1.77
N GLU A 330 -16.40 -1.52 2.75
CA GLU A 330 -16.72 -0.37 3.58
C GLU A 330 -15.54 -0.04 4.47
N GLY A 331 -14.71 -1.04 4.71
CA GLY A 331 -13.51 -0.91 5.51
C GLY A 331 -12.73 -2.20 5.44
N ASP A 332 -11.42 -2.13 5.67
CA ASP A 332 -10.60 -3.34 5.81
C ASP A 332 -11.17 -4.14 6.97
N PRO A 333 -11.41 -5.45 6.76
CA PRO A 333 -12.02 -6.24 7.84
C PRO A 333 -11.03 -6.63 8.94
N VAL A 334 -9.75 -6.34 8.77
CA VAL A 334 -8.75 -6.68 9.78
C VAL A 334 -8.44 -5.49 10.69
N PRO A 335 -8.80 -5.57 11.97
CA PRO A 335 -8.53 -4.42 12.84
C PRO A 335 -7.04 -4.26 13.11
N ARG A 336 -6.60 -3.00 13.28
CA ARG A 336 -5.22 -2.68 13.59
C ARG A 336 -4.26 -3.37 12.62
N ILE A 337 -4.61 -3.35 11.34
CA ILE A 337 -3.83 -4.02 10.32
C ILE A 337 -2.56 -3.21 10.00
#